data_6XIV
#
_entry.id   6XIV
#
_cell.length_a   72.510
_cell.length_b   49.970
_cell.length_c   102.920
_cell.angle_alpha   90.000
_cell.angle_beta   106.110
_cell.angle_gamma   90.000
#
_symmetry.space_group_name_H-M   'P 1 21 1'
#
loop_
_entity.id
_entity.type
_entity.pdbx_description
1 polymer 'Regulatory protein Rns'
2 non-polymer 'DECANOIC ACID'
3 non-polymer '(2S)-2-hydroxybutanedioic acid'
#
_entity_poly.entity_id   1
_entity_poly.type   'polypeptide(L)'
_entity_poly.pdbx_seq_one_letter_code
;(MSE)DFKYTEEKETIKINNI(MSE)IHKYTVLYTSNCI(MSE)DIYSEEEKITCFSNRLVFLERGVNISVR(MSE)QKQ
ILSEKPYVAFRLNGD(MSE)LRHLKDAL(MSE)IIYG(MSE)SKIDTNACRS(MSE)SRKI(MSE)TTEVNKTLLDELKN
INSHDNSAFISSLIYLISKLENNEKIIESIYISSVSFFSDKVRNLIEKDLSRKWTLGIIADAFNASEITIRKRLESENTN
FNQIL(MSE)QLR(MSE)SKAALLLLENSYQISQISN(MSE)IGISSASYFIRIFNKHYGVTPKQFFTYFKGG
;
_entity_poly.pdbx_strand_id   A,B
#
loop_
_chem_comp.id
_chem_comp.type
_chem_comp.name
_chem_comp.formula
DKA non-polymer 'DECANOIC ACID' 'C10 H20 O2'
LMR non-polymer '(2S)-2-hydroxybutanedioic acid' 'C4 H6 O5'
#
# COMPACT_ATOMS: atom_id res chain seq x y z
N TYR A 5 0.97 10.88 7.88
CA TYR A 5 0.62 9.46 7.84
C TYR A 5 -0.83 9.20 7.38
N THR A 6 -1.47 10.20 6.78
CA THR A 6 -2.88 10.06 6.39
C THR A 6 -3.05 9.15 5.19
N GLU A 7 -2.12 9.21 4.22
CA GLU A 7 -2.14 8.34 3.05
C GLU A 7 -1.94 6.86 3.40
N GLU A 8 -1.66 6.53 4.67
CA GLU A 8 -1.46 5.15 5.09
C GLU A 8 -2.68 4.54 5.77
N LYS A 9 -3.88 4.97 5.41
CA LYS A 9 -5.08 4.35 5.95
C LYS A 9 -5.51 3.27 4.96
N GLU A 10 -5.11 2.04 5.26
CA GLU A 10 -5.48 0.81 4.56
C GLU A 10 -6.44 -0.05 5.37
N THR A 11 -7.38 0.62 6.01
CA THR A 11 -8.51 0.01 6.69
C THR A 11 -9.73 0.67 6.06
N ILE A 12 -10.86 -0.02 6.04
CA ILE A 12 -12.03 0.53 5.35
C ILE A 12 -13.31 -0.10 5.89
N LYS A 13 -14.39 0.68 5.89
CA LYS A 13 -15.72 0.25 6.28
C LYS A 13 -16.68 0.41 5.11
N ILE A 14 -17.39 -0.66 4.75
CA ILE A 14 -18.32 -0.65 3.63
C ILE A 14 -19.70 -1.12 4.11
N ASN A 15 -20.74 -0.50 3.58
CA ASN A 15 -22.11 -0.69 4.04
C ASN A 15 -23.01 -1.23 2.94
N ASN A 16 -23.97 -2.07 3.33
CA ASN A 16 -25.08 -2.50 2.45
C ASN A 16 -24.60 -3.29 1.22
N ILE A 17 -23.84 -4.36 1.45
CA ILE A 17 -23.36 -5.25 0.38
C ILE A 17 -24.31 -6.44 0.26
N MSE A 18 -24.74 -6.75 -0.97
CA MSE A 18 -25.74 -7.80 -1.21
C MSE A 18 -25.20 -8.93 -2.07
O MSE A 18 -24.82 -8.72 -3.22
CB MSE A 18 -26.99 -7.21 -1.87
CG MSE A 18 -27.92 -8.27 -2.51
SE MSE A 18 -29.07 -9.24 -1.23
CE MSE A 18 -30.15 -7.71 -0.65
N ILE A 19 -25.20 -10.16 -1.53
CA ILE A 19 -24.53 -11.29 -2.17
C ILE A 19 -25.51 -11.94 -3.17
N HIS A 20 -25.25 -11.74 -4.47
CA HIS A 20 -26.11 -12.24 -5.54
C HIS A 20 -25.71 -13.63 -6.04
N LYS A 21 -24.63 -14.21 -5.52
CA LYS A 21 -24.16 -15.53 -5.91
C LYS A 21 -23.51 -16.20 -4.71
N TYR A 22 -23.79 -17.51 -4.54
CA TYR A 22 -23.13 -18.27 -3.48
C TYR A 22 -21.62 -18.09 -3.57
N THR A 23 -20.99 -17.70 -2.46
CA THR A 23 -19.61 -17.23 -2.54
C THR A 23 -18.70 -17.94 -1.55
N VAL A 24 -17.52 -18.35 -2.01
CA VAL A 24 -16.49 -18.98 -1.18
C VAL A 24 -15.27 -18.08 -1.17
N LEU A 25 -14.88 -17.62 0.01
CA LEU A 25 -13.90 -16.57 0.14
C LEU A 25 -12.70 -17.08 0.94
N TYR A 26 -11.50 -16.62 0.58
CA TYR A 26 -10.27 -17.03 1.26
C TYR A 26 -9.44 -15.80 1.60
N THR A 27 -9.20 -15.61 2.91
CA THR A 27 -8.55 -14.41 3.47
C THR A 27 -7.04 -14.48 3.22
N SER A 28 -6.64 -14.08 2.01
CA SER A 28 -5.22 -14.22 1.64
C SER A 28 -4.33 -13.29 2.45
N ASN A 29 -4.71 -12.02 2.64
CA ASN A 29 -4.02 -11.18 3.61
C ASN A 29 -4.88 -10.00 4.10
N CYS A 30 -5.78 -10.30 5.03
CA CYS A 30 -6.53 -9.26 5.73
C CYS A 30 -7.22 -9.87 6.94
N ILE A 31 -7.84 -9.00 7.72
CA ILE A 31 -8.67 -9.38 8.85
C ILE A 31 -9.99 -8.63 8.72
N MSE A 32 -11.09 -9.32 9.05
CA MSE A 32 -12.40 -8.91 8.59
C MSE A 32 -13.48 -9.10 9.66
O MSE A 32 -13.60 -10.17 10.23
CB MSE A 32 -12.73 -9.73 7.35
CG MSE A 32 -14.05 -9.42 6.66
SE MSE A 32 -14.12 -10.30 4.88
CE MSE A 32 -13.46 -12.05 5.41
N ASP A 33 -14.25 -8.06 9.94
CA ASP A 33 -15.44 -8.17 10.78
C ASP A 33 -16.69 -8.01 9.94
N ILE A 34 -17.69 -8.83 10.23
CA ILE A 34 -18.92 -8.88 9.43
C ILE A 34 -20.07 -8.58 10.39
N TYR A 35 -20.72 -7.43 10.21
CA TYR A 35 -21.95 -7.10 10.92
C TYR A 35 -23.09 -7.31 9.91
N SER A 36 -23.80 -8.42 10.03
CA SER A 36 -24.93 -8.61 9.11
C SER A 36 -26.05 -7.66 9.49
N GLU A 37 -26.81 -8.03 10.53
CA GLU A 37 -27.80 -7.12 11.08
C GLU A 37 -27.25 -6.53 12.37
N GLU A 38 -27.53 -7.19 13.49
CA GLU A 38 -27.13 -6.75 14.82
C GLU A 38 -26.37 -7.86 15.54
N GLU A 39 -25.52 -8.55 14.79
CA GLU A 39 -24.61 -9.57 15.30
C GLU A 39 -23.21 -9.34 14.73
N LYS A 40 -22.29 -10.29 14.94
CA LYS A 40 -20.90 -10.06 14.57
C LYS A 40 -20.21 -11.41 14.39
N ILE A 41 -19.45 -11.54 13.30
CA ILE A 41 -18.64 -12.71 13.01
C ILE A 41 -17.30 -12.21 12.51
N THR A 42 -16.21 -12.53 13.20
CA THR A 42 -14.91 -12.10 12.72
C THR A 42 -14.14 -13.24 12.07
N CYS A 43 -13.31 -12.90 11.09
CA CYS A 43 -12.59 -13.86 10.25
C CYS A 43 -11.10 -13.53 10.34
N PHE A 44 -10.32 -14.49 10.78
CA PHE A 44 -8.91 -14.22 11.08
C PHE A 44 -8.08 -14.37 9.81
N SER A 45 -6.76 -14.49 9.98
CA SER A 45 -5.84 -14.24 8.88
C SER A 45 -5.97 -15.29 7.79
N ASN A 46 -5.83 -16.57 8.13
CA ASN A 46 -5.73 -17.64 7.13
C ASN A 46 -6.90 -18.63 7.27
N ARG A 47 -8.07 -18.26 6.71
CA ARG A 47 -9.32 -19.01 6.89
C ARG A 47 -10.14 -19.03 5.61
N LEU A 48 -11.15 -19.90 5.61
CA LEU A 48 -12.16 -20.02 4.56
C LEU A 48 -13.52 -19.52 5.07
N VAL A 49 -14.27 -18.85 4.20
CA VAL A 49 -15.58 -18.26 4.55
C VAL A 49 -16.61 -18.68 3.51
N PHE A 50 -17.80 -19.08 3.99
CA PHE A 50 -18.90 -19.52 3.15
C PHE A 50 -20.06 -18.54 3.29
N LEU A 51 -20.41 -17.87 2.19
CA LEU A 51 -21.48 -16.86 2.21
C LEU A 51 -22.67 -17.34 1.37
N GLU A 52 -23.83 -17.44 2.03
CA GLU A 52 -25.08 -17.95 1.47
C GLU A 52 -25.79 -16.92 0.62
N ARG A 53 -26.27 -17.35 -0.54
CA ARG A 53 -26.85 -16.42 -1.52
C ARG A 53 -28.04 -15.67 -0.93
N GLY A 54 -27.96 -14.34 -0.95
CA GLY A 54 -29.07 -13.49 -0.56
C GLY A 54 -28.97 -12.80 0.80
N VAL A 55 -27.82 -12.84 1.46
CA VAL A 55 -27.64 -12.11 2.71
C VAL A 55 -27.10 -10.72 2.42
N ASN A 56 -27.42 -9.80 3.31
CA ASN A 56 -27.02 -8.40 3.22
C ASN A 56 -26.21 -8.05 4.47
N ILE A 57 -24.99 -7.54 4.28
CA ILE A 57 -24.05 -7.38 5.39
C ILE A 57 -23.31 -6.06 5.25
N SER A 58 -22.68 -5.66 6.34
CA SER A 58 -21.70 -4.57 6.35
C SER A 58 -20.37 -5.13 6.87
N VAL A 59 -19.25 -4.54 6.43
CA VAL A 59 -17.93 -5.13 6.68
C VAL A 59 -16.92 -4.08 7.07
N ARG A 60 -15.99 -4.47 7.96
CA ARG A 60 -14.81 -3.69 8.31
C ARG A 60 -13.56 -4.50 8.05
N MSE A 61 -12.57 -3.89 7.40
CA MSE A 61 -11.44 -4.62 6.81
C MSE A 61 -10.11 -3.96 7.09
O MSE A 61 -9.99 -2.74 6.95
CB MSE A 61 -11.64 -4.72 5.31
CG MSE A 61 -10.88 -5.85 4.64
SE MSE A 61 -11.70 -6.24 2.89
CE MSE A 61 -13.48 -5.51 3.25
N GLN A 62 -9.10 -4.76 7.46
CA GLN A 62 -7.75 -4.26 7.74
C GLN A 62 -6.73 -5.15 7.05
N LYS A 63 -5.91 -4.57 6.18
CA LYS A 63 -4.93 -5.32 5.40
C LYS A 63 -3.67 -5.62 6.21
N GLN A 64 -2.96 -6.67 5.81
CA GLN A 64 -1.68 -7.00 6.43
C GLN A 64 -0.50 -6.41 5.67
N ILE A 65 -0.47 -6.55 4.35
CA ILE A 65 0.50 -5.89 3.51
C ILE A 65 -0.25 -4.89 2.64
N LEU A 66 0.28 -3.69 2.51
CA LEU A 66 -0.45 -2.60 1.86
C LEU A 66 -0.35 -2.63 0.34
N SER A 67 0.77 -3.11 -0.20
CA SER A 67 1.00 -3.16 -1.64
C SER A 67 0.37 -4.38 -2.32
N GLU A 68 -0.51 -5.11 -1.65
CA GLU A 68 -1.15 -6.30 -2.22
C GLU A 68 -2.66 -6.26 -2.00
N LYS A 69 -3.39 -7.15 -2.71
CA LYS A 69 -4.86 -7.18 -2.64
C LYS A 69 -5.34 -7.98 -1.43
N PRO A 70 -6.59 -7.74 -1.00
CA PRO A 70 -7.02 -8.30 0.31
C PRO A 70 -7.29 -9.80 0.34
N TYR A 71 -7.97 -10.37 -0.66
CA TYR A 71 -8.45 -11.74 -0.54
C TYR A 71 -8.53 -12.41 -1.91
N VAL A 72 -8.98 -13.67 -1.92
CA VAL A 72 -9.29 -14.42 -3.13
C VAL A 72 -10.74 -14.91 -3.05
N ALA A 73 -11.45 -14.85 -4.18
CA ALA A 73 -12.89 -15.13 -4.17
C ALA A 73 -13.28 -16.11 -5.27
N PHE A 74 -14.25 -16.98 -4.96
CA PHE A 74 -14.90 -17.88 -5.93
C PHE A 74 -16.41 -17.67 -5.88
N ARG A 75 -17.03 -17.47 -7.04
CA ARG A 75 -18.47 -17.25 -7.14
C ARG A 75 -19.07 -18.25 -8.12
N LEU A 76 -20.28 -18.72 -7.83
CA LEU A 76 -20.96 -19.76 -8.61
C LEU A 76 -22.22 -19.21 -9.24
N ASN A 77 -22.44 -19.51 -10.53
CA ASN A 77 -23.69 -19.11 -11.17
C ASN A 77 -24.78 -20.15 -10.94
N GLY A 78 -25.93 -19.96 -11.56
CA GLY A 78 -27.10 -20.74 -11.18
C GLY A 78 -27.05 -22.18 -11.65
N ASP A 79 -26.72 -22.38 -12.93
CA ASP A 79 -26.53 -23.72 -13.47
C ASP A 79 -25.64 -24.58 -12.57
N MSE A 80 -24.42 -24.09 -12.32
CA MSE A 80 -23.45 -24.76 -11.48
C MSE A 80 -23.93 -25.04 -10.05
O MSE A 80 -23.69 -26.13 -9.51
CB MSE A 80 -22.18 -23.93 -11.44
CG MSE A 80 -21.00 -24.63 -10.82
SE MSE A 80 -19.43 -24.25 -11.87
CE MSE A 80 -19.70 -22.30 -12.13
N LEU A 81 -24.58 -24.05 -9.44
CA LEU A 81 -25.12 -24.24 -8.10
C LEU A 81 -26.15 -25.36 -8.09
N ARG A 82 -27.00 -25.42 -9.13
CA ARG A 82 -28.02 -26.47 -9.21
C ARG A 82 -27.39 -27.85 -9.34
N HIS A 83 -26.38 -27.97 -10.23
CA HIS A 83 -25.65 -29.22 -10.38
C HIS A 83 -25.05 -29.69 -9.06
N LEU A 84 -24.37 -28.78 -8.35
CA LEU A 84 -23.78 -29.15 -7.08
C LEU A 84 -24.85 -29.63 -6.10
N LYS A 85 -25.99 -28.93 -6.07
CA LYS A 85 -27.10 -29.38 -5.22
C LYS A 85 -27.55 -30.81 -5.57
N ASP A 86 -27.72 -31.08 -6.88
CA ASP A 86 -28.21 -32.39 -7.32
C ASP A 86 -27.27 -33.52 -6.89
N ALA A 87 -26.00 -33.42 -7.31
CA ALA A 87 -25.04 -34.46 -6.95
C ALA A 87 -24.87 -34.57 -5.44
N LEU A 88 -24.95 -33.43 -4.72
CA LEU A 88 -24.83 -33.49 -3.26
C LEU A 88 -25.99 -34.24 -2.63
N MSE A 89 -27.18 -34.12 -3.19
CA MSE A 89 -28.35 -34.83 -2.67
C MSE A 89 -28.18 -36.32 -2.92
O MSE A 89 -28.53 -37.15 -2.07
CB MSE A 89 -29.65 -34.31 -3.29
CG MSE A 89 -30.40 -33.33 -2.41
SE MSE A 89 -32.35 -33.40 -2.60
CE MSE A 89 -32.49 -33.34 -4.56
N ILE A 90 -27.64 -36.65 -4.09
CA ILE A 90 -27.36 -38.06 -4.40
C ILE A 90 -26.41 -38.65 -3.37
N ILE A 91 -25.28 -37.98 -3.10
CA ILE A 91 -24.23 -38.61 -2.31
C ILE A 91 -24.64 -38.78 -0.84
N TYR A 92 -25.24 -37.76 -0.25
CA TYR A 92 -25.54 -37.80 1.19
C TYR A 92 -26.98 -38.20 1.52
N GLY A 93 -27.84 -38.35 0.52
CA GLY A 93 -29.22 -38.75 0.81
C GLY A 93 -30.14 -37.56 0.95
N MSE A 94 -31.40 -37.77 0.54
CA MSE A 94 -32.40 -36.71 0.50
C MSE A 94 -33.03 -36.41 1.87
O MSE A 94 -33.44 -37.33 2.59
CB MSE A 94 -33.48 -37.07 -0.51
CG MSE A 94 -34.31 -35.89 -0.99
SE MSE A 94 -36.22 -36.01 -0.56
CE MSE A 94 -36.67 -37.64 -1.52
N SER A 95 -33.11 -35.14 2.24
CA SER A 95 -33.76 -34.72 3.49
C SER A 95 -34.23 -33.27 3.42
N ASP A 98 -38.41 -27.94 2.62
CA ASP A 98 -38.03 -27.82 4.04
C ASP A 98 -39.08 -27.06 4.84
N THR A 99 -38.85 -26.96 6.16
CA THR A 99 -39.84 -26.31 7.03
C THR A 99 -39.91 -24.81 6.77
N ASN A 100 -38.78 -24.18 6.47
CA ASN A 100 -38.68 -22.75 6.23
C ASN A 100 -39.35 -21.97 7.37
N ALA A 101 -38.71 -22.07 8.54
CA ALA A 101 -39.24 -21.49 9.78
C ALA A 101 -38.24 -20.51 10.39
N CYS A 102 -37.33 -21.02 11.20
CA CYS A 102 -36.42 -20.20 11.98
C CYS A 102 -35.18 -19.87 11.15
N ARG A 103 -34.80 -18.60 11.14
CA ARG A 103 -33.56 -18.19 10.50
C ARG A 103 -32.48 -18.02 11.55
N SER A 104 -31.27 -17.70 11.09
CA SER A 104 -30.13 -17.42 11.93
C SER A 104 -28.96 -16.98 11.07
N MSE A 105 -28.37 -15.84 11.40
CA MSE A 105 -27.21 -15.39 10.66
C MSE A 105 -26.01 -16.32 10.93
O MSE A 105 -25.06 -16.34 10.16
CB MSE A 105 -26.85 -13.96 11.03
CG MSE A 105 -25.84 -13.86 12.15
SE MSE A 105 -24.36 -12.70 11.66
CE MSE A 105 -24.18 -13.28 9.81
N SER A 106 -26.08 -17.08 12.02
CA SER A 106 -25.06 -18.08 12.31
C SER A 106 -25.26 -19.37 11.51
N ARG A 107 -26.37 -19.50 10.79
CA ARG A 107 -26.59 -20.62 9.88
C ARG A 107 -26.41 -20.22 8.42
N LYS A 108 -25.98 -18.98 8.16
CA LYS A 108 -25.81 -18.47 6.81
C LYS A 108 -24.40 -18.00 6.49
N ILE A 109 -23.54 -17.82 7.49
CA ILE A 109 -22.15 -17.38 7.30
C ILE A 109 -21.28 -18.22 8.23
N MSE A 110 -20.28 -18.91 7.66
CA MSE A 110 -19.49 -19.87 8.44
C MSE A 110 -17.99 -19.90 8.07
O MSE A 110 -17.65 -20.16 6.91
CB MSE A 110 -20.10 -21.26 8.27
CG MSE A 110 -21.49 -21.39 8.93
SE MSE A 110 -22.73 -22.64 8.09
CE MSE A 110 -22.77 -21.93 6.27
N THR A 111 -17.12 -19.68 9.05
CA THR A 111 -15.67 -19.75 8.85
C THR A 111 -15.11 -21.08 9.36
N THR A 112 -14.13 -21.60 8.63
CA THR A 112 -13.43 -22.82 9.01
C THR A 112 -11.93 -22.60 8.85
N GLU A 113 -11.16 -23.59 9.28
CA GLU A 113 -9.71 -23.51 9.26
C GLU A 113 -9.20 -24.51 8.23
N VAL A 114 -8.55 -24.02 7.21
CA VAL A 114 -8.20 -24.82 6.04
C VAL A 114 -6.88 -25.50 6.30
N ASN A 115 -6.78 -26.77 5.91
CA ASN A 115 -5.56 -27.51 6.11
C ASN A 115 -4.57 -27.15 4.99
N LYS A 116 -3.33 -27.64 5.12
CA LYS A 116 -2.32 -27.36 4.11
C LYS A 116 -2.62 -28.09 2.81
N THR A 117 -3.03 -29.36 2.89
CA THR A 117 -3.33 -30.14 1.69
C THR A 117 -4.61 -29.64 1.02
N LEU A 118 -5.59 -29.22 1.82
CA LEU A 118 -6.76 -28.55 1.27
C LEU A 118 -6.37 -27.24 0.62
N LEU A 119 -5.40 -26.53 1.20
CA LEU A 119 -4.91 -25.31 0.60
C LEU A 119 -4.26 -25.60 -0.75
N ASP A 120 -3.59 -26.74 -0.87
CA ASP A 120 -2.99 -27.13 -2.15
C ASP A 120 -4.06 -27.42 -3.19
N GLU A 121 -5.06 -28.21 -2.82
CA GLU A 121 -6.15 -28.50 -3.77
C GLU A 121 -6.84 -27.21 -4.21
N LEU A 122 -7.04 -26.27 -3.29
CA LEU A 122 -7.56 -24.96 -3.67
C LEU A 122 -6.61 -24.23 -4.61
N LYS A 123 -5.30 -24.34 -4.35
CA LYS A 123 -4.29 -23.72 -5.21
C LYS A 123 -4.43 -24.19 -6.65
N ASN A 124 -4.33 -25.50 -6.88
CA ASN A 124 -4.31 -25.97 -8.26
C ASN A 124 -5.73 -25.97 -8.83
N ILE A 125 -6.45 -24.89 -8.61
CA ILE A 125 -7.77 -24.68 -9.20
C ILE A 125 -7.58 -23.72 -10.36
N ASN A 126 -7.83 -24.20 -11.57
CA ASN A 126 -7.86 -23.36 -12.76
C ASN A 126 -9.27 -23.50 -13.34
N SER A 127 -10.01 -22.38 -13.33
CA SER A 127 -11.42 -22.36 -13.72
C SER A 127 -11.55 -22.40 -15.25
N HIS A 128 -11.15 -23.53 -15.81
CA HIS A 128 -11.35 -23.84 -17.23
C HIS A 128 -12.10 -25.14 -17.44
N ASP A 129 -11.75 -26.18 -16.70
CA ASP A 129 -12.54 -27.42 -16.70
C ASP A 129 -13.66 -27.25 -15.69
N ASN A 130 -14.90 -27.11 -16.20
CA ASN A 130 -16.03 -26.83 -15.33
C ASN A 130 -16.28 -27.99 -14.37
N SER A 131 -16.29 -29.22 -14.91
CA SER A 131 -16.59 -30.39 -14.11
C SER A 131 -15.53 -30.62 -13.03
N ALA A 132 -14.26 -30.39 -13.36
CA ALA A 132 -13.19 -30.59 -12.39
C ALA A 132 -13.41 -29.73 -11.15
N PHE A 133 -13.95 -28.52 -11.33
CA PHE A 133 -14.20 -27.66 -10.19
C PHE A 133 -15.27 -28.25 -9.27
N ILE A 134 -16.33 -28.83 -9.85
CA ILE A 134 -17.37 -29.47 -9.05
C ILE A 134 -16.80 -30.63 -8.25
N SER A 135 -15.98 -31.46 -8.91
CA SER A 135 -15.35 -32.58 -8.22
C SER A 135 -14.48 -32.12 -7.05
N SER A 136 -13.62 -31.10 -7.28
CA SER A 136 -12.74 -30.61 -6.22
C SER A 136 -13.53 -30.03 -5.05
N LEU A 137 -14.62 -29.32 -5.34
CA LEU A 137 -15.42 -28.74 -4.27
C LEU A 137 -16.15 -29.81 -3.46
N ILE A 138 -16.64 -30.87 -4.12
CA ILE A 138 -17.27 -31.97 -3.38
C ILE A 138 -16.24 -32.70 -2.52
N TYR A 139 -15.03 -32.89 -3.06
CA TYR A 139 -13.94 -33.47 -2.28
C TYR A 139 -13.66 -32.64 -1.02
N LEU A 140 -13.56 -31.31 -1.19
CA LEU A 140 -13.32 -30.44 -0.04
C LEU A 140 -14.44 -30.55 0.99
N ILE A 141 -15.70 -30.51 0.54
CA ILE A 141 -16.81 -30.56 1.50
C ILE A 141 -16.76 -31.85 2.30
N SER A 142 -16.45 -32.98 1.65
CA SER A 142 -16.43 -34.26 2.37
C SER A 142 -15.38 -34.24 3.47
N LYS A 143 -14.30 -33.45 3.31
CA LYS A 143 -13.20 -33.40 4.26
C LYS A 143 -13.46 -32.50 5.45
N LEU A 144 -14.62 -31.86 5.54
CA LEU A 144 -14.91 -30.88 6.57
C LEU A 144 -15.66 -31.52 7.72
N GLU A 145 -15.26 -31.20 8.95
CA GLU A 145 -15.97 -31.73 10.11
C GLU A 145 -17.20 -30.87 10.41
N ASN A 146 -18.30 -31.53 10.78
CA ASN A 146 -19.57 -30.87 11.06
C ASN A 146 -20.05 -30.07 9.86
N ASN A 147 -19.95 -30.66 8.67
CA ASN A 147 -20.28 -29.96 7.44
C ASN A 147 -21.77 -29.94 7.13
N GLU A 148 -22.61 -30.55 7.97
CA GLU A 148 -24.05 -30.56 7.70
C GLU A 148 -24.59 -29.15 7.52
N LYS A 149 -24.26 -28.24 8.45
CA LYS A 149 -24.74 -26.85 8.35
C LYS A 149 -24.43 -26.23 6.99
N ILE A 150 -23.37 -26.71 6.31
CA ILE A 150 -23.03 -26.19 5.00
C ILE A 150 -24.04 -26.66 3.96
N ILE A 151 -24.32 -27.97 3.96
CA ILE A 151 -25.17 -28.58 2.92
C ILE A 151 -26.54 -27.92 2.90
N GLU A 152 -27.12 -27.69 4.09
CA GLU A 152 -28.36 -26.93 4.21
C GLU A 152 -28.30 -25.62 3.42
N SER A 153 -27.28 -24.78 3.69
CA SER A 153 -27.24 -23.47 3.05
C SER A 153 -27.11 -23.56 1.54
N ILE A 154 -26.59 -24.69 1.03
CA ILE A 154 -26.49 -24.83 -0.42
C ILE A 154 -27.82 -25.23 -1.02
N TYR A 155 -28.64 -25.96 -0.25
CA TYR A 155 -29.99 -26.31 -0.71
C TYR A 155 -30.94 -25.13 -0.60
N ILE A 156 -30.93 -24.44 0.55
CA ILE A 156 -31.77 -23.25 0.75
C ILE A 156 -31.59 -22.26 -0.38
N SER A 157 -30.33 -21.98 -0.77
CA SER A 157 -30.08 -20.98 -1.82
C SER A 157 -30.21 -21.54 -3.24
N SER A 158 -30.75 -22.76 -3.40
CA SER A 158 -30.91 -23.39 -4.70
C SER A 158 -32.32 -23.30 -5.27
N VAL A 159 -33.30 -22.90 -4.45
CA VAL A 159 -34.69 -22.78 -4.87
C VAL A 159 -34.97 -21.36 -5.35
N SER A 160 -35.95 -21.23 -6.26
CA SER A 160 -36.30 -19.96 -6.89
C SER A 160 -37.54 -19.37 -6.20
N PHE A 161 -37.35 -18.24 -5.54
CA PHE A 161 -38.41 -17.53 -4.83
C PHE A 161 -39.12 -16.51 -5.74
N PHE A 162 -40.14 -15.86 -5.18
CA PHE A 162 -40.88 -14.84 -5.92
C PHE A 162 -40.02 -13.61 -6.21
N SER A 163 -39.22 -13.18 -5.23
CA SER A 163 -38.32 -12.05 -5.47
C SER A 163 -37.36 -12.36 -6.61
N ASP A 164 -37.03 -13.63 -6.83
CA ASP A 164 -36.19 -14.01 -7.98
C ASP A 164 -36.93 -13.79 -9.30
N LYS A 165 -38.24 -14.04 -9.33
CA LYS A 165 -39.00 -13.74 -10.54
C LYS A 165 -38.99 -12.24 -10.81
N VAL A 166 -39.19 -11.42 -9.76
CA VAL A 166 -39.14 -9.97 -9.95
C VAL A 166 -37.78 -9.55 -10.50
N ARG A 167 -36.70 -10.08 -9.92
CA ARG A 167 -35.36 -9.71 -10.38
C ARG A 167 -35.18 -10.08 -11.84
N ASN A 168 -35.54 -11.31 -12.21
CA ASN A 168 -35.37 -11.75 -13.60
C ASN A 168 -36.16 -10.87 -14.56
N LEU A 169 -37.35 -10.43 -14.17
CA LEU A 169 -38.10 -9.52 -15.04
C LEU A 169 -37.36 -8.21 -15.21
N ILE A 170 -36.88 -7.61 -14.11
CA ILE A 170 -36.30 -6.27 -14.18
C ILE A 170 -34.96 -6.27 -14.93
N GLU A 171 -34.20 -7.36 -14.84
CA GLU A 171 -32.85 -7.42 -15.41
C GLU A 171 -32.84 -7.41 -16.94
N LYS A 172 -33.99 -7.63 -17.60
CA LYS A 172 -34.01 -7.62 -19.05
C LYS A 172 -33.98 -6.22 -19.64
N ASP A 173 -34.13 -5.18 -18.80
CA ASP A 173 -34.04 -3.78 -19.25
C ASP A 173 -33.77 -2.91 -18.02
N LEU A 174 -32.49 -2.73 -17.70
CA LEU A 174 -32.09 -2.09 -16.44
C LEU A 174 -32.31 -0.58 -16.45
N SER A 175 -32.24 0.08 -17.61
CA SER A 175 -32.36 1.52 -17.67
C SER A 175 -33.79 2.02 -17.86
N ARG A 176 -34.75 1.12 -18.10
CA ARG A 176 -36.16 1.51 -18.14
C ARG A 176 -36.57 2.08 -16.78
N LYS A 177 -37.74 2.72 -16.74
CA LYS A 177 -38.25 3.29 -15.50
C LYS A 177 -39.48 2.51 -15.03
N TRP A 178 -39.24 1.57 -14.12
CA TRP A 178 -40.25 0.66 -13.61
C TRP A 178 -41.07 1.29 -12.48
N THR A 179 -42.27 0.74 -12.28
CA THR A 179 -43.15 1.13 -11.20
C THR A 179 -43.78 -0.13 -10.61
N LEU A 180 -44.38 0.01 -9.43
CA LEU A 180 -45.12 -1.13 -8.89
C LEU A 180 -46.30 -1.47 -9.78
N GLY A 181 -46.85 -0.46 -10.48
CA GLY A 181 -47.96 -0.71 -11.38
C GLY A 181 -47.60 -1.68 -12.50
N ILE A 182 -46.44 -1.49 -13.12
CA ILE A 182 -46.04 -2.33 -14.24
C ILE A 182 -45.82 -3.77 -13.79
N ILE A 183 -45.13 -3.95 -12.66
CA ILE A 183 -44.92 -5.30 -12.15
C ILE A 183 -46.26 -5.92 -11.74
N ALA A 184 -47.21 -5.09 -11.30
CA ALA A 184 -48.55 -5.58 -10.98
C ALA A 184 -49.36 -5.97 -12.22
N ASP A 185 -49.00 -5.48 -13.40
CA ASP A 185 -49.68 -5.91 -14.61
C ASP A 185 -49.05 -7.19 -15.17
N ALA A 186 -47.72 -7.20 -15.33
CA ALA A 186 -47.03 -8.35 -15.87
C ALA A 186 -47.36 -9.61 -15.08
N PHE A 187 -47.21 -9.55 -13.77
CA PHE A 187 -47.76 -10.58 -12.89
C PHE A 187 -49.24 -10.28 -12.70
N ASN A 188 -50.11 -11.21 -13.09
CA ASN A 188 -51.55 -10.99 -13.03
C ASN A 188 -52.03 -10.96 -11.58
N ALA A 189 -51.90 -9.78 -10.95
CA ALA A 189 -52.31 -9.60 -9.56
C ALA A 189 -52.45 -8.11 -9.26
N SER A 190 -52.75 -7.82 -7.99
CA SER A 190 -52.92 -6.47 -7.47
C SER A 190 -51.66 -5.99 -6.76
N GLU A 191 -51.56 -4.67 -6.57
CA GLU A 191 -50.37 -4.10 -5.93
C GLU A 191 -50.20 -4.57 -4.49
N ILE A 192 -51.30 -4.62 -3.73
CA ILE A 192 -51.23 -5.08 -2.35
C ILE A 192 -50.76 -6.53 -2.31
N THR A 193 -51.23 -7.35 -3.24
CA THR A 193 -50.77 -8.74 -3.33
C THR A 193 -49.25 -8.79 -3.49
N ILE A 194 -48.72 -7.96 -4.38
CA ILE A 194 -47.29 -8.03 -4.68
C ILE A 194 -46.46 -7.58 -3.50
N ARG A 195 -46.85 -6.48 -2.85
CA ARG A 195 -46.01 -6.02 -1.75
C ARG A 195 -46.15 -6.91 -0.52
N LYS A 196 -47.31 -7.56 -0.32
CA LYS A 196 -47.41 -8.49 0.81
C LYS A 196 -46.66 -9.78 0.53
N ARG A 197 -46.58 -10.21 -0.73
CA ARG A 197 -45.75 -11.37 -1.06
C ARG A 197 -44.27 -11.05 -0.86
N LEU A 198 -43.82 -9.87 -1.31
CA LEU A 198 -42.43 -9.48 -1.11
C LEU A 198 -42.12 -9.19 0.37
N GLU A 199 -43.13 -8.81 1.15
CA GLU A 199 -42.91 -8.53 2.56
C GLU A 199 -42.62 -9.81 3.35
N SER A 200 -43.10 -10.96 2.85
CA SER A 200 -42.88 -12.24 3.51
C SER A 200 -41.45 -12.75 3.34
N GLU A 201 -40.73 -12.24 2.34
CA GLU A 201 -39.31 -12.52 2.18
C GLU A 201 -38.43 -11.43 2.77
N ASN A 202 -39.04 -10.41 3.39
CA ASN A 202 -38.36 -9.34 4.12
C ASN A 202 -37.68 -8.35 3.18
N THR A 203 -38.44 -7.83 2.22
CA THR A 203 -37.93 -6.83 1.29
C THR A 203 -39.09 -6.14 0.59
N ASN A 204 -38.74 -5.13 -0.21
CA ASN A 204 -39.72 -4.41 -1.02
C ASN A 204 -39.10 -4.11 -2.39
N PHE A 205 -39.87 -3.46 -3.27
CA PHE A 205 -39.51 -3.34 -4.68
C PHE A 205 -38.42 -2.27 -4.91
N ASN A 206 -38.54 -1.11 -4.25
CA ASN A 206 -37.53 -0.07 -4.40
C ASN A 206 -36.14 -0.55 -3.96
N GLN A 207 -36.08 -1.27 -2.84
CA GLN A 207 -34.82 -1.83 -2.37
C GLN A 207 -34.19 -2.73 -3.43
N ILE A 208 -34.99 -3.60 -4.05
CA ILE A 208 -34.46 -4.53 -5.05
C ILE A 208 -33.87 -3.75 -6.23
N LEU A 209 -34.62 -2.76 -6.73
CA LEU A 209 -34.12 -1.97 -7.85
C LEU A 209 -32.78 -1.28 -7.52
N MSE A 210 -32.71 -0.66 -6.34
CA MSE A 210 -31.48 0.04 -5.93
C MSE A 210 -30.24 -0.90 -5.77
O MSE A 210 -29.13 -0.54 -6.19
CB MSE A 210 -31.72 0.82 -4.63
CG MSE A 210 -30.48 1.43 -4.03
SE MSE A 210 -29.87 3.10 -4.86
CE MSE A 210 -31.29 4.28 -4.17
N GLN A 211 -30.48 -2.09 -5.18
CA GLN A 211 -29.40 -3.07 -5.01
C GLN A 211 -28.89 -3.57 -6.35
N LEU A 212 -29.80 -3.85 -7.30
CA LEU A 212 -29.38 -4.27 -8.63
C LEU A 212 -28.49 -3.21 -9.30
N ARG A 213 -28.95 -1.94 -9.30
CA ARG A 213 -28.18 -0.92 -10.01
C ARG A 213 -26.80 -0.66 -9.35
N MSE A 214 -26.74 -0.65 -8.01
CA MSE A 214 -25.44 -0.43 -7.33
C MSE A 214 -24.45 -1.64 -7.45
O MSE A 214 -23.22 -1.43 -7.50
CB MSE A 214 -25.68 -0.07 -5.85
CG MSE A 214 -26.46 1.28 -5.63
SE MSE A 214 -25.53 2.96 -6.24
CE MSE A 214 -26.10 3.07 -8.15
N SER A 215 -24.97 -2.88 -7.56
CA SER A 215 -24.09 -4.03 -7.77
C SER A 215 -23.47 -4.01 -9.17
N LYS A 216 -24.30 -3.79 -10.19
CA LYS A 216 -23.76 -3.68 -11.54
C LYS A 216 -22.71 -2.55 -11.64
N ALA A 217 -22.97 -1.40 -10.98
CA ALA A 217 -22.00 -0.31 -11.04
C ALA A 217 -20.68 -0.66 -10.34
N ALA A 218 -20.76 -1.15 -9.09
CA ALA A 218 -19.54 -1.49 -8.39
C ALA A 218 -18.70 -2.49 -9.19
N LEU A 219 -19.35 -3.47 -9.84
CA LEU A 219 -18.63 -4.42 -10.69
C LEU A 219 -17.97 -3.72 -11.88
N LEU A 220 -18.69 -2.82 -12.57
CA LEU A 220 -18.09 -2.18 -13.74
C LEU A 220 -16.92 -1.28 -13.36
N LEU A 221 -16.94 -0.70 -12.17
CA LEU A 221 -15.85 0.20 -11.78
C LEU A 221 -14.50 -0.50 -11.78
N LEU A 222 -14.47 -1.78 -11.45
CA LEU A 222 -13.19 -2.48 -11.36
C LEU A 222 -12.66 -2.96 -12.72
N GLU A 223 -13.48 -2.96 -13.77
CA GLU A 223 -12.99 -3.31 -15.11
C GLU A 223 -11.98 -2.30 -15.64
N ASN A 224 -12.09 -1.04 -15.21
CA ASN A 224 -11.15 0.02 -15.58
C ASN A 224 -11.12 0.31 -17.08
N SER A 225 -12.31 0.44 -17.68
CA SER A 225 -12.41 0.73 -19.12
C SER A 225 -13.74 1.37 -19.52
N TYR A 226 -14.37 2.11 -18.62
CA TYR A 226 -15.59 2.87 -18.93
C TYR A 226 -15.57 4.14 -18.08
N GLN A 227 -15.90 5.27 -18.69
CA GLN A 227 -16.02 6.53 -17.95
C GLN A 227 -17.24 6.49 -17.02
N ILE A 228 -17.29 7.47 -16.11
CA ILE A 228 -18.39 7.55 -15.15
C ILE A 228 -19.71 7.83 -15.86
N SER A 229 -19.68 8.72 -16.87
CA SER A 229 -20.88 8.99 -17.65
C SER A 229 -21.36 7.72 -18.35
N GLN A 230 -20.43 6.90 -18.82
CA GLN A 230 -20.80 5.64 -19.46
C GLN A 230 -21.51 4.72 -18.47
N ILE A 231 -20.97 4.58 -17.26
CA ILE A 231 -21.58 3.74 -16.23
C ILE A 231 -22.98 4.22 -15.87
N SER A 232 -23.10 5.54 -15.66
CA SER A 232 -24.39 6.10 -15.27
C SER A 232 -25.44 5.87 -16.35
N ASN A 233 -25.07 6.05 -17.62
CA ASN A 233 -26.02 5.75 -18.68
C ASN A 233 -26.39 4.27 -18.69
N MSE A 234 -25.42 3.39 -18.44
CA MSE A 234 -25.71 1.96 -18.54
C MSE A 234 -26.68 1.47 -17.45
O MSE A 234 -27.48 0.58 -17.71
CB MSE A 234 -24.43 1.11 -18.53
CG MSE A 234 -23.42 1.52 -19.61
SE MSE A 234 -21.65 0.64 -19.68
CE MSE A 234 -20.46 1.76 -18.66
N ILE A 235 -26.66 2.06 -16.25
CA ILE A 235 -27.58 1.59 -15.21
C ILE A 235 -28.88 2.39 -15.14
N GLY A 236 -29.04 3.43 -15.96
CA GLY A 236 -30.29 4.15 -16.02
C GLY A 236 -30.39 5.36 -15.11
N ILE A 237 -29.37 6.21 -15.13
CA ILE A 237 -29.27 7.39 -14.26
C ILE A 237 -28.82 8.59 -15.10
N SER A 238 -29.45 9.74 -14.85
CA SER A 238 -29.34 10.90 -15.75
C SER A 238 -27.92 11.48 -15.79
N SER A 239 -27.41 11.90 -14.64
CA SER A 239 -26.17 12.68 -14.57
C SER A 239 -25.08 11.92 -13.82
N ALA A 240 -23.82 12.32 -14.10
CA ALA A 240 -22.70 11.71 -13.39
C ALA A 240 -22.61 12.19 -11.93
N SER A 241 -22.91 13.48 -11.70
CA SER A 241 -22.85 14.00 -10.32
C SER A 241 -23.92 13.38 -9.43
N TYR A 242 -25.11 13.18 -9.98
CA TYR A 242 -26.14 12.46 -9.25
C TYR A 242 -25.67 11.05 -8.89
N PHE A 243 -25.01 10.37 -9.84
CA PHE A 243 -24.52 9.02 -9.60
C PHE A 243 -23.51 8.98 -8.47
N ILE A 244 -22.60 9.94 -8.43
CA ILE A 244 -21.62 9.97 -7.34
C ILE A 244 -22.30 10.18 -6.00
N ARG A 245 -23.28 11.10 -5.96
CA ARG A 245 -24.02 11.32 -4.70
C ARG A 245 -24.67 10.03 -4.20
N ILE A 246 -25.36 9.31 -5.10
CA ILE A 246 -26.10 8.12 -4.68
C ILE A 246 -25.15 7.02 -4.23
N PHE A 247 -24.06 6.78 -4.99
CA PHE A 247 -23.09 5.76 -4.62
C PHE A 247 -22.49 6.03 -3.24
N ASN A 248 -22.15 7.30 -2.97
CA ASN A 248 -21.59 7.62 -1.65
C ASN A 248 -22.62 7.43 -0.54
N LYS A 249 -23.89 7.80 -0.77
CA LYS A 249 -24.90 7.63 0.28
C LYS A 249 -25.17 6.15 0.56
N HIS A 250 -25.16 5.31 -0.47
CA HIS A 250 -25.49 3.90 -0.27
C HIS A 250 -24.35 3.12 0.37
N TYR A 251 -23.14 3.18 -0.21
CA TYR A 251 -22.09 2.31 0.28
C TYR A 251 -21.30 2.90 1.45
N GLY A 252 -21.31 4.22 1.60
CA GLY A 252 -20.57 4.88 2.65
C GLY A 252 -19.20 5.38 2.26
N VAL A 253 -18.80 5.21 1.00
CA VAL A 253 -17.53 5.72 0.52
C VAL A 253 -17.71 6.25 -0.90
N THR A 254 -16.66 6.94 -1.42
CA THR A 254 -16.69 7.55 -2.75
C THR A 254 -16.10 6.59 -3.78
N PRO A 255 -16.53 6.68 -5.05
CA PRO A 255 -16.02 5.74 -6.07
C PRO A 255 -14.50 5.75 -6.21
N LYS A 256 -13.85 6.88 -5.99
CA LYS A 256 -12.39 6.89 -6.00
C LYS A 256 -11.83 6.08 -4.83
N GLN A 257 -12.42 6.21 -3.64
CA GLN A 257 -11.96 5.43 -2.49
C GLN A 257 -12.12 3.93 -2.73
N PHE A 258 -13.28 3.53 -3.26
CA PHE A 258 -13.52 2.12 -3.58
C PHE A 258 -12.50 1.60 -4.59
N PHE A 259 -12.35 2.29 -5.74
CA PHE A 259 -11.41 1.80 -6.75
C PHE A 259 -9.98 1.76 -6.22
N THR A 260 -9.54 2.83 -5.55
CA THR A 260 -8.17 2.87 -5.05
C THR A 260 -7.93 1.73 -4.06
N TYR A 261 -8.91 1.42 -3.21
CA TYR A 261 -8.67 0.34 -2.26
C TYR A 261 -8.58 -1.01 -2.97
N PHE A 262 -9.55 -1.33 -3.84
CA PHE A 262 -9.62 -2.73 -4.22
C PHE A 262 -8.67 -3.11 -5.34
N LYS A 263 -8.14 -2.15 -6.11
CA LYS A 263 -7.18 -2.50 -7.15
C LYS A 263 -5.93 -3.09 -6.47
N GLU B 8 1.26 18.53 -16.07
CA GLU B 8 1.05 17.12 -15.80
C GLU B 8 2.38 16.48 -15.40
N LYS B 9 3.24 17.29 -14.79
CA LYS B 9 4.53 16.84 -14.28
C LYS B 9 4.38 16.46 -12.80
N GLU B 10 4.17 15.16 -12.56
CA GLU B 10 4.25 14.60 -11.21
C GLU B 10 5.51 13.77 -11.12
N THR B 11 6.49 14.15 -11.92
CA THR B 11 7.78 13.50 -12.02
C THR B 11 8.90 14.53 -12.00
N ILE B 12 10.09 14.10 -11.54
CA ILE B 12 11.24 14.99 -11.47
C ILE B 12 12.54 14.19 -11.47
N LYS B 13 13.60 14.79 -12.04
CA LYS B 13 14.93 14.19 -12.08
C LYS B 13 15.93 15.08 -11.35
N ILE B 14 16.67 14.50 -10.39
CA ILE B 14 17.64 15.26 -9.60
C ILE B 14 19.01 14.59 -9.68
N ASN B 15 20.06 15.42 -9.72
CA ASN B 15 21.45 15.00 -9.96
C ASN B 15 22.36 15.40 -8.81
N ASN B 16 23.39 14.58 -8.57
CA ASN B 16 24.53 14.93 -7.70
C ASN B 16 24.12 15.20 -6.25
N ILE B 17 23.40 14.25 -5.64
CA ILE B 17 22.99 14.35 -4.24
C ILE B 17 23.98 13.58 -3.38
N MSE B 18 24.40 14.20 -2.27
CA MSE B 18 25.24 13.49 -1.29
C MSE B 18 24.47 13.12 0.00
O MSE B 18 23.65 13.92 0.48
CB MSE B 18 26.47 14.35 -0.94
CG MSE B 18 27.41 13.68 0.05
SE MSE B 18 28.97 12.78 -0.74
CE MSE B 18 30.11 14.35 -1.12
N ILE B 19 24.71 11.92 0.52
CA ILE B 19 24.15 11.48 1.80
C ILE B 19 25.23 11.71 2.86
N HIS B 20 25.07 12.77 3.64
CA HIS B 20 26.04 13.13 4.67
C HIS B 20 25.71 12.54 6.04
N LYS B 21 24.62 11.78 6.16
CA LYS B 21 24.21 11.14 7.40
C LYS B 21 23.54 9.82 7.04
N TYR B 22 23.84 8.76 7.80
CA TYR B 22 23.18 7.48 7.58
C TYR B 22 21.66 7.67 7.61
N THR B 23 21.00 7.20 6.55
CA THR B 23 19.63 7.62 6.29
C THR B 23 18.71 6.43 6.11
N VAL B 24 17.52 6.51 6.72
CA VAL B 24 16.48 5.48 6.60
C VAL B 24 15.24 6.13 6.01
N LEU B 25 14.79 5.63 4.87
CA LEU B 25 13.74 6.25 4.09
C LEU B 25 12.55 5.32 3.94
N TYR B 26 11.32 5.89 3.92
CA TYR B 26 10.07 5.13 3.76
C TYR B 26 9.17 5.77 2.71
N THR B 27 8.87 5.03 1.64
CA THR B 27 8.14 5.55 0.47
C THR B 27 6.64 5.65 0.76
N SER B 28 6.25 6.75 1.41
CA SER B 28 4.84 6.93 1.76
C SER B 28 3.98 7.16 0.51
N ASN B 29 4.46 7.93 -0.48
CA ASN B 29 3.80 7.92 -1.79
C ASN B 29 4.67 8.38 -2.96
N CYS B 30 5.55 7.49 -3.43
CA CYS B 30 6.25 7.71 -4.69
C CYS B 30 6.87 6.40 -5.14
N ILE B 31 7.43 6.43 -6.35
CA ILE B 31 8.27 5.36 -6.88
C ILE B 31 9.51 6.01 -7.47
N MSE B 32 10.69 5.57 -7.01
CA MSE B 32 11.93 6.23 -7.43
C MSE B 32 13.00 5.24 -7.92
O MSE B 32 13.24 4.22 -7.27
CB MSE B 32 12.49 7.10 -6.29
CG MSE B 32 12.90 6.38 -4.99
SE MSE B 32 13.82 7.56 -3.65
CE MSE B 32 12.27 8.04 -2.58
N ASP B 33 13.61 5.55 -9.06
CA ASP B 33 14.74 4.80 -9.58
C ASP B 33 16.04 5.54 -9.25
N ILE B 34 17.07 4.79 -8.90
CA ILE B 34 18.33 5.36 -8.40
C ILE B 34 19.50 4.90 -9.27
N TYR B 35 20.13 5.85 -9.97
CA TYR B 35 21.38 5.62 -10.69
C TYR B 35 22.50 6.21 -9.84
N SER B 36 23.29 5.35 -9.19
CA SER B 36 24.42 5.88 -8.42
C SER B 36 25.52 6.33 -9.37
N GLU B 37 26.31 5.36 -9.86
CA GLU B 37 27.29 5.62 -10.90
C GLU B 37 26.73 5.04 -12.18
N GLU B 38 27.03 3.78 -12.51
CA GLU B 38 26.64 3.15 -13.75
C GLU B 38 25.89 1.85 -13.44
N GLU B 39 25.04 1.89 -12.40
CA GLU B 39 24.13 0.82 -12.04
C GLU B 39 22.73 1.38 -11.80
N LYS B 40 21.80 0.55 -11.30
CA LYS B 40 20.41 0.96 -11.15
C LYS B 40 19.71 0.08 -10.13
N ILE B 41 18.98 0.71 -9.22
CA ILE B 41 18.14 0.02 -8.24
C ILE B 41 16.81 0.75 -8.19
N THR B 42 15.72 0.05 -8.48
CA THR B 42 14.42 0.69 -8.44
C THR B 42 13.67 0.30 -7.15
N CYS B 43 12.85 1.23 -6.66
CA CYS B 43 12.16 1.07 -5.38
C CYS B 43 10.67 1.28 -5.58
N PHE B 44 9.88 0.30 -5.18
CA PHE B 44 8.45 0.33 -5.45
C PHE B 44 7.71 1.03 -4.31
N SER B 45 6.38 0.84 -4.25
CA SER B 45 5.51 1.75 -3.53
C SER B 45 5.73 1.74 -2.03
N ASN B 46 5.63 0.58 -1.38
CA ASN B 46 5.55 0.52 0.08
C ASN B 46 6.75 -0.22 0.67
N ARG B 47 7.89 0.46 0.81
CA ARG B 47 9.14 -0.21 1.15
C ARG B 47 10.01 0.64 2.09
N LEU B 48 11.01 0.00 2.68
CA LEU B 48 12.02 0.66 3.50
C LEU B 48 13.34 0.69 2.74
N VAL B 49 14.11 1.77 2.90
CA VAL B 49 15.38 1.96 2.19
C VAL B 49 16.46 2.36 3.19
N PHE B 50 17.62 1.73 3.08
CA PHE B 50 18.76 2.01 3.94
C PHE B 50 19.88 2.59 3.09
N LEU B 51 20.27 3.82 3.38
CA LEU B 51 21.27 4.56 2.61
C LEU B 51 22.51 4.77 3.46
N GLU B 52 23.64 4.24 2.98
CA GLU B 52 24.89 4.24 3.70
C GLU B 52 25.60 5.57 3.53
N ARG B 53 26.14 6.08 4.64
CA ARG B 53 26.69 7.44 4.69
C ARG B 53 27.86 7.60 3.72
N GLY B 54 27.75 8.58 2.82
CA GLY B 54 28.84 8.94 1.94
C GLY B 54 28.71 8.51 0.49
N VAL B 55 27.54 8.07 0.05
CA VAL B 55 27.33 7.72 -1.35
C VAL B 55 26.80 8.95 -2.09
N ASN B 56 27.09 9.00 -3.39
CA ASN B 56 26.65 10.08 -4.25
C ASN B 56 25.82 9.47 -5.38
N ILE B 57 24.54 9.87 -5.48
CA ILE B 57 23.58 9.20 -6.34
C ILE B 57 22.68 10.22 -7.03
N SER B 58 22.06 9.78 -8.12
CA SER B 58 21.06 10.55 -8.84
C SER B 58 19.74 9.80 -8.87
N VAL B 59 18.63 10.54 -8.96
CA VAL B 59 17.30 9.98 -8.72
C VAL B 59 16.29 10.42 -9.78
N ARG B 60 15.36 9.52 -10.12
CA ARG B 60 14.20 9.83 -10.97
C ARG B 60 12.92 9.39 -10.24
N MSE B 61 12.08 10.36 -9.88
CA MSE B 61 10.91 10.13 -9.02
C MSE B 61 9.56 10.40 -9.68
O MSE B 61 9.43 11.33 -10.48
CB MSE B 61 10.96 11.02 -7.77
CG MSE B 61 11.99 10.63 -6.75
SE MSE B 61 11.75 11.54 -5.04
CE MSE B 61 12.25 13.36 -5.58
N GLN B 62 8.56 9.61 -9.28
CA GLN B 62 7.18 9.76 -9.75
C GLN B 62 6.24 9.64 -8.55
N LYS B 63 5.43 10.68 -8.29
CA LYS B 63 4.51 10.69 -7.17
C LYS B 63 3.21 9.96 -7.49
N GLN B 64 2.50 9.57 -6.42
CA GLN B 64 1.15 9.04 -6.51
C GLN B 64 0.10 10.14 -6.32
N ILE B 65 0.22 10.89 -5.24
CA ILE B 65 -0.65 12.03 -4.94
C ILE B 65 0.18 13.31 -4.93
N LEU B 66 -0.38 14.39 -5.50
CA LEU B 66 0.35 15.63 -5.60
C LEU B 66 0.23 16.49 -4.34
N SER B 67 -0.87 16.39 -3.61
CA SER B 67 -1.06 17.25 -2.44
C SER B 67 -0.29 16.78 -1.21
N GLU B 68 0.61 15.80 -1.36
CA GLU B 68 1.48 15.34 -0.28
C GLU B 68 2.91 15.22 -0.78
N LYS B 69 3.82 15.07 0.18
CA LYS B 69 5.24 14.95 -0.09
C LYS B 69 5.59 13.50 -0.45
N PRO B 70 6.72 13.28 -1.11
CA PRO B 70 7.00 11.93 -1.62
C PRO B 70 7.29 10.88 -0.56
N TYR B 71 8.04 11.20 0.51
CA TYR B 71 8.47 10.14 1.41
C TYR B 71 8.61 10.65 2.83
N VAL B 72 9.03 9.75 3.72
CA VAL B 72 9.32 10.05 5.13
C VAL B 72 10.79 9.68 5.38
N ALA B 73 11.51 10.52 6.15
CA ALA B 73 12.95 10.33 6.32
C ALA B 73 13.39 10.38 7.78
N PHE B 74 14.34 9.51 8.12
CA PHE B 74 15.00 9.50 9.44
C PHE B 74 16.50 9.57 9.21
N ARG B 75 17.18 10.50 9.90
CA ARG B 75 18.62 10.66 9.77
C ARG B 75 19.27 10.61 11.15
N LEU B 76 20.48 10.06 11.20
CA LEU B 76 21.22 9.89 12.45
C LEU B 76 22.50 10.71 12.42
N ASN B 77 22.78 11.42 13.51
CA ASN B 77 24.04 12.16 13.64
C ASN B 77 25.16 11.24 14.15
N GLY B 78 26.32 11.83 14.44
CA GLY B 78 27.51 11.04 14.68
C GLY B 78 27.52 10.32 16.01
N ASP B 79 27.19 11.05 17.09
CA ASP B 79 27.04 10.44 18.41
C ASP B 79 26.15 9.20 18.34
N MSE B 80 24.91 9.38 17.87
CA MSE B 80 23.92 8.32 17.66
C MSE B 80 24.41 7.14 16.83
O MSE B 80 24.21 5.98 17.19
CB MSE B 80 22.69 8.88 16.99
CG MSE B 80 21.91 9.83 17.85
SE MSE B 80 20.31 8.94 18.49
CE MSE B 80 19.96 7.85 16.90
N LEU B 81 25.01 7.45 15.67
CA LEU B 81 25.54 6.40 14.81
C LEU B 81 26.56 5.56 15.57
N ARG B 82 27.43 6.21 16.35
CA ARG B 82 28.44 5.47 17.10
C ARG B 82 27.80 4.60 18.18
N HIS B 83 26.83 5.14 18.92
CA HIS B 83 26.12 4.36 19.93
C HIS B 83 25.51 3.10 19.32
N LEU B 84 24.76 3.26 18.23
CA LEU B 84 24.10 2.13 17.60
C LEU B 84 25.10 1.10 17.13
N LYS B 85 26.22 1.56 16.54
CA LYS B 85 27.28 0.65 16.17
C LYS B 85 27.76 -0.16 17.38
N ASP B 86 27.96 0.51 18.52
CA ASP B 86 28.45 -0.14 19.73
C ASP B 86 27.51 -1.25 20.21
N ALA B 87 26.26 -0.88 20.48
CA ALA B 87 25.29 -1.86 20.99
C ALA B 87 25.07 -2.99 19.98
N LEU B 88 25.09 -2.67 18.69
CA LEU B 88 24.95 -3.71 17.68
C LEU B 88 26.14 -4.65 17.69
N MSE B 89 27.32 -4.15 18.04
CA MSE B 89 28.49 -5.01 18.17
C MSE B 89 28.31 -5.99 19.32
O MSE B 89 28.62 -7.18 19.20
CB MSE B 89 29.75 -4.17 18.41
CG MSE B 89 30.22 -3.38 17.20
SE MSE B 89 31.46 -4.33 16.04
CE MSE B 89 33.15 -3.81 16.89
N ILE B 90 27.78 -5.47 20.44
CA ILE B 90 27.56 -6.32 21.62
C ILE B 90 26.55 -7.42 21.31
N ILE B 91 25.40 -7.06 20.75
CA ILE B 91 24.30 -8.02 20.60
C ILE B 91 24.65 -9.11 19.60
N TYR B 92 25.26 -8.73 18.47
CA TYR B 92 25.62 -9.65 17.40
C TYR B 92 27.10 -10.02 17.52
N GLY B 93 27.72 -10.41 16.41
CA GLY B 93 29.11 -10.80 16.39
C GLY B 93 30.03 -9.68 15.93
N MSE B 94 31.24 -10.07 15.53
CA MSE B 94 32.23 -9.14 14.98
C MSE B 94 32.86 -9.72 13.71
O MSE B 94 33.39 -10.83 13.72
CB MSE B 94 33.35 -8.86 16.00
CG MSE B 94 32.87 -8.36 17.35
SE MSE B 94 34.32 -7.60 18.43
CE MSE B 94 35.57 -9.09 18.38
N SER B 95 32.79 -8.97 12.61
CA SER B 95 33.35 -9.39 11.34
C SER B 95 34.71 -8.73 11.10
N LYS B 96 35.49 -9.34 10.21
CA LYS B 96 36.86 -8.88 9.94
C LYS B 96 37.11 -8.83 8.43
N ILE B 97 36.15 -8.28 7.68
CA ILE B 97 36.40 -7.85 6.31
C ILE B 97 36.85 -6.39 6.40
N ASP B 98 37.71 -6.09 7.39
CA ASP B 98 38.10 -4.73 7.73
C ASP B 98 38.90 -4.03 6.65
N THR B 99 39.29 -4.73 5.59
CA THR B 99 40.08 -4.09 4.53
C THR B 99 39.20 -3.13 3.75
N ASN B 100 39.66 -1.87 3.67
CA ASN B 100 38.94 -0.80 2.98
C ASN B 100 39.28 -0.84 1.49
N ALA B 101 38.78 -1.89 0.82
CA ALA B 101 39.15 -2.14 -0.56
C ALA B 101 37.97 -2.08 -1.53
N CYS B 102 37.31 -3.21 -1.78
CA CYS B 102 36.31 -3.29 -2.84
C CYS B 102 34.92 -2.91 -2.32
N ARG B 103 34.26 -2.01 -3.05
CA ARG B 103 32.90 -1.60 -2.80
C ARG B 103 31.97 -2.25 -3.82
N SER B 104 30.69 -1.91 -3.73
CA SER B 104 29.65 -2.33 -4.66
C SER B 104 28.37 -1.62 -4.28
N MSE B 105 27.64 -1.11 -5.27
CA MSE B 105 26.44 -0.34 -4.96
C MSE B 105 25.42 -1.19 -4.22
O MSE B 105 24.68 -0.68 -3.38
CB MSE B 105 25.80 0.24 -6.22
CG MSE B 105 24.71 1.25 -5.87
SE MSE B 105 23.46 1.75 -7.27
CE MSE B 105 22.28 2.90 -6.22
N SER B 106 25.40 -2.49 -4.54
CA SER B 106 24.44 -3.40 -3.93
C SER B 106 24.74 -3.70 -2.46
N ARG B 107 25.89 -3.27 -1.94
CA ARG B 107 26.18 -3.35 -0.51
C ARG B 107 26.06 -2.01 0.19
N LYS B 108 25.57 -0.98 -0.50
CA LYS B 108 25.39 0.34 0.07
C LYS B 108 23.95 0.83 0.03
N ILE B 109 23.07 0.17 -0.72
CA ILE B 109 21.68 0.57 -0.85
C ILE B 109 20.83 -0.69 -0.68
N MSE B 110 19.75 -0.59 0.11
CA MSE B 110 18.93 -1.79 0.41
C MSE B 110 17.43 -1.52 0.64
O MSE B 110 17.06 -0.55 1.32
CB MSE B 110 19.51 -2.51 1.63
CG MSE B 110 20.46 -3.64 1.27
SE MSE B 110 22.37 -3.30 1.63
CE MSE B 110 22.30 -3.36 3.57
N THR B 111 16.58 -2.40 0.10
CA THR B 111 15.13 -2.26 0.18
C THR B 111 14.47 -3.54 0.70
N THR B 112 13.41 -3.39 1.49
CA THR B 112 12.60 -4.50 2.00
C THR B 112 11.12 -4.15 1.84
N GLU B 113 10.25 -5.09 2.21
CA GLU B 113 8.80 -4.97 2.07
C GLU B 113 8.16 -4.84 3.44
N VAL B 114 7.48 -3.73 3.70
CA VAL B 114 7.08 -3.41 5.07
C VAL B 114 5.77 -4.10 5.44
N ASN B 115 5.80 -4.74 6.60
CA ASN B 115 4.71 -5.49 7.22
C ASN B 115 3.83 -4.59 8.08
N LYS B 116 2.75 -5.18 8.62
CA LYS B 116 1.87 -4.47 9.54
C LYS B 116 2.55 -4.23 10.88
N THR B 117 3.26 -5.24 11.39
CA THR B 117 3.87 -5.12 12.72
C THR B 117 5.06 -4.15 12.69
N LEU B 118 5.83 -4.13 11.60
CA LEU B 118 6.87 -3.10 11.47
C LEU B 118 6.26 -1.72 11.29
N LEU B 119 5.14 -1.63 10.56
CA LEU B 119 4.49 -0.35 10.32
C LEU B 119 3.94 0.29 11.59
N ASP B 120 3.46 -0.52 12.54
CA ASP B 120 2.96 0.08 13.78
C ASP B 120 4.07 0.77 14.57
N GLU B 121 5.18 0.06 14.79
CA GLU B 121 6.32 0.66 15.47
C GLU B 121 6.84 1.86 14.68
N LEU B 122 6.86 1.76 13.35
CA LEU B 122 7.25 2.91 12.53
C LEU B 122 6.33 4.10 12.79
N LYS B 123 5.03 3.83 13.00
CA LYS B 123 4.09 4.90 13.34
C LYS B 123 4.53 5.61 14.61
N ASN B 124 4.57 4.89 15.74
CA ASN B 124 4.83 5.61 16.99
C ASN B 124 6.32 5.84 17.27
N ILE B 125 7.07 6.31 16.27
CA ILE B 125 8.46 6.73 16.43
C ILE B 125 8.49 8.25 16.49
N ASN B 126 8.94 8.80 17.61
CA ASN B 126 9.16 10.24 17.70
C ASN B 126 10.62 10.50 18.04
N SER B 127 11.32 11.16 17.12
CA SER B 127 12.75 11.43 17.27
C SER B 127 12.99 12.59 18.23
N HIS B 128 12.59 12.38 19.47
CA HIS B 128 12.89 13.29 20.58
C HIS B 128 13.53 12.60 21.76
N ASP B 129 13.05 11.39 22.12
CA ASP B 129 13.68 10.53 23.12
C ASP B 129 14.78 9.72 22.44
N ASN B 130 16.05 10.02 22.77
CA ASN B 130 17.17 9.41 22.06
C ASN B 130 17.25 7.90 22.29
N SER B 131 17.20 7.46 23.56
CA SER B 131 17.37 6.03 23.84
C SER B 131 16.22 5.20 23.25
N ALA B 132 14.99 5.71 23.33
CA ALA B 132 13.85 5.01 22.74
C ALA B 132 14.04 4.81 21.23
N PHE B 133 14.65 5.80 20.56
CA PHE B 133 14.89 5.73 19.11
C PHE B 133 15.88 4.62 18.76
N ILE B 134 16.94 4.48 19.57
CA ILE B 134 17.92 3.41 19.42
C ILE B 134 17.27 2.05 19.64
N SER B 135 16.44 1.92 20.69
CA SER B 135 15.72 0.68 20.93
C SER B 135 14.85 0.30 19.74
N SER B 136 14.10 1.27 19.19
CA SER B 136 13.21 0.98 18.08
C SER B 136 13.98 0.51 16.85
N LEU B 137 15.14 1.12 16.58
CA LEU B 137 15.90 0.71 15.41
C LEU B 137 16.48 -0.70 15.59
N ILE B 138 16.93 -1.04 16.80
CA ILE B 138 17.45 -2.39 17.01
C ILE B 138 16.33 -3.43 16.90
N TYR B 139 15.15 -3.10 17.44
CA TYR B 139 13.99 -3.96 17.29
C TYR B 139 13.65 -4.20 15.83
N LEU B 140 13.62 -3.13 15.03
CA LEU B 140 13.32 -3.26 13.62
C LEU B 140 14.35 -4.15 12.92
N ILE B 141 15.64 -3.90 13.16
CA ILE B 141 16.69 -4.66 12.49
C ILE B 141 16.59 -6.15 12.83
N SER B 142 16.23 -6.48 14.08
CA SER B 142 16.17 -7.88 14.48
C SER B 142 15.13 -8.66 13.68
N LYS B 143 14.06 -8.01 13.25
CA LYS B 143 12.98 -8.69 12.53
C LYS B 143 13.26 -8.86 11.04
N LEU B 144 14.40 -8.41 10.54
CA LEU B 144 14.71 -8.46 9.11
C LEU B 144 15.57 -9.67 8.79
N GLU B 145 15.27 -10.31 7.67
CA GLU B 145 16.08 -11.41 7.18
C GLU B 145 17.27 -10.86 6.40
N ASN B 146 18.40 -11.55 6.51
CA ASN B 146 19.63 -11.16 5.82
C ASN B 146 20.07 -9.76 6.25
N ASN B 147 20.04 -9.53 7.56
CA ASN B 147 20.39 -8.21 8.08
C ASN B 147 21.90 -8.00 8.16
N GLU B 148 22.69 -9.02 7.81
CA GLU B 148 24.14 -8.90 7.87
C GLU B 148 24.61 -7.71 7.05
N LYS B 149 24.15 -7.62 5.81
CA LYS B 149 24.54 -6.54 4.92
C LYS B 149 24.30 -5.16 5.55
N ILE B 150 23.31 -5.04 6.42
CA ILE B 150 23.08 -3.74 7.05
C ILE B 150 24.15 -3.44 8.09
N ILE B 151 24.44 -4.42 8.96
CA ILE B 151 25.38 -4.17 10.05
C ILE B 151 26.74 -3.77 9.50
N GLU B 152 27.21 -4.45 8.45
CA GLU B 152 28.40 -4.04 7.73
C GLU B 152 28.35 -2.55 7.39
N SER B 153 27.30 -2.14 6.67
CA SER B 153 27.21 -0.75 6.23
C SER B 153 27.12 0.21 7.40
N ILE B 154 26.68 -0.25 8.57
CA ILE B 154 26.61 0.65 9.72
C ILE B 154 28.00 0.80 10.35
N TYR B 155 28.85 -0.22 10.23
CA TYR B 155 30.19 -0.09 10.78
C TYR B 155 31.07 0.76 9.89
N ILE B 156 31.05 0.49 8.58
CA ILE B 156 31.82 1.26 7.61
C ILE B 156 31.57 2.75 7.77
N SER B 157 30.32 3.15 7.94
CA SER B 157 30.01 4.58 8.00
C SER B 157 30.32 5.19 9.36
N SER B 158 30.95 4.45 10.27
CA SER B 158 31.28 4.96 11.61
C SER B 158 32.75 5.37 11.76
N VAL B 159 33.61 5.06 10.77
CA VAL B 159 35.02 5.40 10.80
C VAL B 159 35.24 6.76 10.16
N SER B 160 36.26 7.48 10.62
CA SER B 160 36.55 8.84 10.18
C SER B 160 37.76 8.85 9.23
N PHE B 161 37.53 9.26 7.99
CA PHE B 161 38.60 9.36 7.01
C PHE B 161 39.23 10.76 7.06
N PHE B 162 40.28 10.97 6.25
CA PHE B 162 40.92 12.27 6.22
C PHE B 162 39.98 13.33 5.65
N SER B 163 39.19 12.96 4.63
CA SER B 163 38.22 13.87 4.05
C SER B 163 37.22 14.36 5.08
N ASP B 164 36.93 13.54 6.09
CA ASP B 164 36.04 13.97 7.16
C ASP B 164 36.69 15.04 8.03
N LYS B 165 38.00 14.93 8.28
CA LYS B 165 38.70 15.97 9.01
C LYS B 165 38.71 17.28 8.23
N VAL B 166 38.97 17.20 6.91
CA VAL B 166 38.91 18.40 6.07
C VAL B 166 37.52 19.04 6.17
N ARG B 167 36.47 18.22 6.08
CA ARG B 167 35.11 18.74 6.20
C ARG B 167 34.89 19.42 7.55
N ASN B 168 35.26 18.74 8.63
CA ASN B 168 35.07 19.32 9.97
C ASN B 168 35.78 20.66 10.08
N LEU B 169 36.96 20.77 9.49
CA LEU B 169 37.65 22.06 9.48
C LEU B 169 36.84 23.10 8.73
N ILE B 170 36.29 22.74 7.56
CA ILE B 170 35.61 23.73 6.72
C ILE B 170 34.31 24.22 7.37
N GLU B 171 33.61 23.34 8.09
CA GLU B 171 32.28 23.72 8.59
C GLU B 171 32.31 24.83 9.66
N LYS B 172 33.47 25.15 10.23
CA LYS B 172 33.50 26.16 11.28
C LYS B 172 33.37 27.57 10.74
N ASP B 173 33.49 27.76 9.42
CA ASP B 173 33.31 29.08 8.82
C ASP B 173 33.06 28.87 7.32
N LEU B 174 31.80 28.70 6.97
CA LEU B 174 31.47 28.33 5.59
C LEU B 174 31.55 29.51 4.63
N SER B 175 31.36 30.74 5.13
CA SER B 175 31.37 31.93 4.27
C SER B 175 32.76 32.55 4.11
N ARG B 176 33.76 32.07 4.83
CA ARG B 176 35.16 32.42 4.58
C ARG B 176 35.54 31.97 3.16
N LYS B 177 36.67 32.45 2.67
CA LYS B 177 37.11 32.06 1.34
C LYS B 177 38.38 31.21 1.47
N TRP B 178 38.20 29.89 1.47
CA TRP B 178 39.28 28.95 1.68
C TRP B 178 40.07 28.67 0.39
N THR B 179 41.32 28.28 0.57
CA THR B 179 42.20 27.86 -0.52
C THR B 179 43.01 26.66 -0.05
N LEU B 180 43.66 25.97 -1.00
CA LEU B 180 44.50 24.83 -0.61
C LEU B 180 45.65 25.27 0.29
N GLY B 181 46.15 26.50 0.10
CA GLY B 181 47.24 26.97 0.94
C GLY B 181 46.87 27.06 2.41
N ILE B 182 45.68 27.60 2.69
CA ILE B 182 45.21 27.76 4.07
C ILE B 182 44.97 26.40 4.73
N ILE B 183 44.38 25.44 3.99
CA ILE B 183 44.21 24.09 4.54
C ILE B 183 45.56 23.47 4.81
N ALA B 184 46.57 23.80 4.00
CA ALA B 184 47.91 23.29 4.23
C ALA B 184 48.56 23.88 5.47
N ASP B 185 48.03 24.99 6.00
CA ASP B 185 48.61 25.55 7.23
C ASP B 185 48.07 24.85 8.48
N ALA B 186 46.74 24.74 8.59
CA ALA B 186 46.14 24.11 9.76
C ALA B 186 46.69 22.71 9.97
N PHE B 187 46.65 21.88 8.94
CA PHE B 187 47.42 20.63 8.94
C PHE B 187 48.85 20.98 8.55
N ASN B 188 49.81 20.76 9.44
CA ASN B 188 51.19 21.15 9.13
C ASN B 188 51.80 20.26 8.07
N ALA B 189 51.59 20.59 6.79
CA ALA B 189 52.12 19.81 5.68
C ALA B 189 52.13 20.70 4.43
N SER B 190 52.53 20.11 3.32
CA SER B 190 52.66 20.81 2.05
C SER B 190 51.41 20.59 1.19
N GLU B 191 51.24 21.47 0.20
CA GLU B 191 50.11 21.33 -0.70
C GLU B 191 50.16 20.00 -1.42
N ILE B 192 51.36 19.57 -1.81
CA ILE B 192 51.51 18.28 -2.47
C ILE B 192 51.06 17.15 -1.55
N THR B 193 51.45 17.22 -0.26
CA THR B 193 51.03 16.21 0.70
C THR B 193 49.51 16.13 0.82
N ILE B 194 48.85 17.27 0.99
CA ILE B 194 47.41 17.28 1.21
C ILE B 194 46.67 16.86 -0.05
N ARG B 195 47.11 17.32 -1.22
CA ARG B 195 46.39 16.98 -2.45
C ARG B 195 46.60 15.52 -2.82
N LYS B 196 47.76 14.94 -2.50
CA LYS B 196 47.94 13.53 -2.77
C LYS B 196 47.23 12.68 -1.72
N ARG B 197 47.05 13.20 -0.50
CA ARG B 197 46.25 12.48 0.49
C ARG B 197 44.78 12.42 0.09
N LEU B 198 44.21 13.56 -0.32
CA LEU B 198 42.83 13.56 -0.80
C LEU B 198 42.68 12.80 -2.11
N GLU B 199 43.75 12.70 -2.90
CA GLU B 199 43.69 12.00 -4.17
C GLU B 199 43.60 10.48 -3.99
N SER B 200 44.09 9.94 -2.87
CA SER B 200 43.98 8.50 -2.65
C SER B 200 42.57 8.08 -2.30
N GLU B 201 41.73 9.02 -1.87
CA GLU B 201 40.33 8.76 -1.63
C GLU B 201 39.46 9.14 -2.81
N ASN B 202 40.07 9.56 -3.93
CA ASN B 202 39.39 9.81 -5.18
C ASN B 202 38.52 11.07 -5.11
N THR B 203 39.14 12.18 -4.71
CA THR B 203 38.46 13.47 -4.67
C THR B 203 39.52 14.57 -4.61
N ASN B 204 39.06 15.83 -4.65
CA ASN B 204 39.93 17.00 -4.54
C ASN B 204 39.24 18.03 -3.66
N PHE B 205 39.89 19.18 -3.48
CA PHE B 205 39.41 20.18 -2.52
C PHE B 205 38.18 20.95 -3.02
N ASN B 206 38.18 21.35 -4.31
CA ASN B 206 37.03 22.07 -4.87
C ASN B 206 35.74 21.24 -4.82
N GLN B 207 35.83 19.94 -5.10
CA GLN B 207 34.65 19.09 -5.03
C GLN B 207 34.01 19.12 -3.65
N ILE B 208 34.84 19.00 -2.59
CA ILE B 208 34.32 18.96 -1.23
C ILE B 208 33.64 20.28 -0.88
N LEU B 209 34.30 21.40 -1.19
CA LEU B 209 33.69 22.70 -0.90
C LEU B 209 32.33 22.85 -1.56
N MSE B 210 32.23 22.45 -2.84
CA MSE B 210 30.97 22.57 -3.59
C MSE B 210 29.83 21.70 -3.02
O MSE B 210 28.69 22.18 -2.87
CB MSE B 210 31.23 22.23 -5.07
CG MSE B 210 29.99 22.28 -6.00
SE MSE B 210 29.24 24.06 -6.46
CE MSE B 210 30.88 25.13 -6.27
N GLN B 211 30.15 20.43 -2.70
CA GLN B 211 29.15 19.54 -2.13
C GLN B 211 28.62 20.04 -0.80
N LEU B 212 29.52 20.55 0.07
CA LEU B 212 29.08 21.12 1.34
C LEU B 212 28.13 22.31 1.16
N ARG B 213 28.51 23.27 0.31
CA ARG B 213 27.64 24.45 0.17
C ARG B 213 26.29 24.10 -0.45
N MSE B 214 26.25 23.21 -1.45
CA MSE B 214 24.96 22.86 -2.07
C MSE B 214 24.07 21.98 -1.17
O MSE B 214 22.82 22.03 -1.23
CB MSE B 214 25.18 22.19 -3.42
CG MSE B 214 25.82 23.11 -4.49
SE MSE B 214 24.81 24.72 -5.05
CE MSE B 214 25.44 26.09 -3.78
N SER B 215 24.70 21.22 -0.26
CA SER B 215 23.92 20.50 0.75
C SER B 215 23.25 21.46 1.72
N LYS B 216 24.02 22.40 2.26
CA LYS B 216 23.45 23.38 3.19
C LYS B 216 22.34 24.21 2.53
N ALA B 217 22.53 24.59 1.27
CA ALA B 217 21.51 25.37 0.57
C ALA B 217 20.22 24.59 0.36
N ALA B 218 20.34 23.34 -0.16
CA ALA B 218 19.14 22.54 -0.37
C ALA B 218 18.35 22.36 0.92
N LEU B 219 19.04 22.13 2.04
CA LEU B 219 18.34 21.99 3.32
C LEU B 219 17.66 23.30 3.75
N LEU B 220 18.38 24.43 3.69
CA LEU B 220 17.80 25.69 4.15
C LEU B 220 16.60 26.12 3.31
N LEU B 221 16.58 25.77 2.02
CA LEU B 221 15.46 26.17 1.16
C LEU B 221 14.13 25.62 1.65
N LEU B 222 14.13 24.46 2.28
CA LEU B 222 12.90 23.79 2.69
C LEU B 222 12.32 24.32 3.99
N GLU B 223 13.09 25.08 4.77
CA GLU B 223 12.53 25.65 6.00
C GLU B 223 11.48 26.71 5.72
N ASN B 224 11.54 27.37 4.57
CA ASN B 224 10.55 28.39 4.18
C ASN B 224 10.52 29.53 5.20
N SER B 225 11.72 30.05 5.50
CA SER B 225 11.83 31.16 6.45
C SER B 225 13.05 32.04 6.20
N TYR B 226 13.58 32.07 4.97
CA TYR B 226 14.68 32.96 4.60
C TYR B 226 14.53 33.26 3.12
N GLN B 227 14.75 34.52 2.76
CA GLN B 227 14.79 34.88 1.35
C GLN B 227 15.98 34.19 0.67
N ILE B 228 16.01 34.29 -0.66
CA ILE B 228 17.12 33.71 -1.42
C ILE B 228 18.43 34.43 -1.09
N SER B 229 18.40 35.76 -0.98
CA SER B 229 19.60 36.53 -0.66
C SER B 229 20.14 36.18 0.72
N GLN B 230 19.25 35.90 1.69
CA GLN B 230 19.73 35.49 3.01
C GLN B 230 20.47 34.16 2.94
N ILE B 231 19.94 33.19 2.19
CA ILE B 231 20.62 31.90 2.01
C ILE B 231 21.99 32.10 1.35
N SER B 232 22.04 32.91 0.29
CA SER B 232 23.30 33.12 -0.44
C SER B 232 24.36 33.78 0.46
N ASN B 233 23.97 34.80 1.23
CA ASN B 233 24.90 35.37 2.19
C ASN B 233 25.33 34.36 3.27
N MSE B 234 24.43 33.46 3.66
CA MSE B 234 24.75 32.45 4.68
C MSE B 234 25.79 31.43 4.19
O MSE B 234 26.60 30.95 4.99
CB MSE B 234 23.47 31.73 5.15
CG MSE B 234 22.72 32.38 6.35
SE MSE B 234 20.73 32.20 6.32
CE MSE B 234 20.38 30.86 7.73
N ILE B 235 25.80 31.07 2.90
CA ILE B 235 26.75 30.05 2.44
C ILE B 235 27.98 30.64 1.75
N GLY B 236 28.05 31.97 1.60
CA GLY B 236 29.24 32.60 1.08
C GLY B 236 29.29 32.88 -0.42
N ILE B 237 28.24 33.50 -0.96
CA ILE B 237 28.14 33.78 -2.38
C ILE B 237 27.68 35.22 -2.57
N SER B 238 28.31 35.91 -3.53
CA SER B 238 28.18 37.37 -3.66
C SER B 238 26.75 37.78 -3.99
N SER B 239 26.20 37.29 -5.10
CA SER B 239 24.91 37.73 -5.59
C SER B 239 23.88 36.61 -5.58
N ALA B 240 22.60 36.99 -5.56
CA ALA B 240 21.53 35.99 -5.61
C ALA B 240 21.40 35.35 -7.00
N SER B 241 21.56 36.15 -8.06
CA SER B 241 21.42 35.60 -9.42
C SER B 241 22.54 34.60 -9.72
N TYR B 242 23.75 34.89 -9.26
CA TYR B 242 24.84 33.93 -9.39
C TYR B 242 24.48 32.62 -8.67
N PHE B 243 23.90 32.72 -7.48
CA PHE B 243 23.49 31.53 -6.73
C PHE B 243 22.45 30.72 -7.50
N ILE B 244 21.48 31.38 -8.13
CA ILE B 244 20.47 30.65 -8.90
C ILE B 244 21.11 29.93 -10.09
N ARG B 245 22.05 30.59 -10.77
CA ARG B 245 22.76 29.92 -11.85
C ARG B 245 23.48 28.66 -11.35
N ILE B 246 24.23 28.79 -10.26
CA ILE B 246 25.01 27.63 -9.79
C ILE B 246 24.12 26.50 -9.30
N PHE B 247 23.03 26.82 -8.58
CA PHE B 247 22.11 25.77 -8.12
C PHE B 247 21.53 25.01 -9.30
N ASN B 248 21.13 25.74 -10.35
CA ASN B 248 20.57 25.08 -11.51
C ASN B 248 21.61 24.20 -12.21
N LYS B 249 22.84 24.67 -12.30
CA LYS B 249 23.86 23.88 -12.99
C LYS B 249 24.24 22.61 -12.20
N HIS B 250 24.27 22.68 -10.86
CA HIS B 250 24.67 21.52 -10.07
C HIS B 250 23.55 20.48 -9.96
N TYR B 251 22.34 20.90 -9.59
CA TYR B 251 21.28 19.95 -9.34
C TYR B 251 20.46 19.60 -10.57
N GLY B 252 20.40 20.47 -11.58
CA GLY B 252 19.59 20.20 -12.75
C GLY B 252 18.20 20.77 -12.72
N VAL B 253 17.83 21.51 -11.66
CA VAL B 253 16.54 22.17 -11.56
C VAL B 253 16.71 23.53 -10.88
N THR B 254 15.63 24.34 -10.91
CA THR B 254 15.72 25.66 -10.30
C THR B 254 15.25 25.61 -8.86
N PRO B 255 15.72 26.52 -8.00
CA PRO B 255 15.28 26.49 -6.59
C PRO B 255 13.76 26.54 -6.42
N LYS B 256 13.04 27.23 -7.30
CA LYS B 256 11.58 27.26 -7.20
C LYS B 256 10.98 25.90 -7.51
N GLN B 257 11.50 25.22 -8.54
CA GLN B 257 10.99 23.89 -8.89
C GLN B 257 11.26 22.89 -7.78
N PHE B 258 12.47 22.93 -7.20
CA PHE B 258 12.82 22.05 -6.08
C PHE B 258 11.87 22.25 -4.90
N PHE B 259 11.71 23.51 -4.47
CA PHE B 259 10.83 23.82 -3.35
C PHE B 259 9.40 23.36 -3.63
N THR B 260 8.88 23.67 -4.83
CA THR B 260 7.50 23.32 -5.15
C THR B 260 7.28 21.81 -5.12
N TYR B 261 8.23 21.02 -5.64
CA TYR B 261 8.03 19.57 -5.63
C TYR B 261 8.03 19.03 -4.21
N PHE B 262 9.03 19.41 -3.41
CA PHE B 262 9.23 18.70 -2.13
C PHE B 262 8.33 19.15 -1.00
N LYS B 263 7.62 20.28 -1.13
CA LYS B 263 6.80 20.81 -0.02
C LYS B 263 5.86 19.79 0.59
C1 DKA C . -22.36 -10.79 -6.69
O1 DKA C . -21.78 -11.00 -7.81
C2 DKA C . -23.02 -9.44 -6.39
C3 DKA C . -22.28 -8.70 -5.29
C4 DKA C . -21.47 -7.51 -5.84
C5 DKA C . -21.51 -6.32 -4.90
C6 DKA C . -20.16 -5.61 -4.92
C7 DKA C . -19.51 -5.50 -3.53
C8 DKA C . -18.03 -5.13 -3.62
C9 DKA C . -17.14 -6.35 -3.85
C10 DKA C . -15.68 -6.06 -3.50
O2 DKA C . -22.40 -11.69 -5.80
C1 LMR D . -32.28 -16.71 -0.76
O1A LMR D . -32.36 -15.58 -1.29
O1B LMR D . -32.11 -17.70 -1.51
C2 LMR D . -32.39 -16.90 0.75
O2 LMR D . -31.10 -17.00 1.29
C3 LMR D . -33.11 -15.79 1.52
C4 LMR D . -32.78 -15.88 3.02
O4A LMR D . -33.50 -16.58 3.78
O4B LMR D . -31.77 -15.28 3.48
C1 DKA E . 22.65 15.01 4.27
O1 DKA E . 23.11 16.06 4.79
C2 DKA E . 21.87 15.07 2.95
C3 DKA E . 22.28 16.26 2.08
C4 DKA E . 21.07 17.09 1.66
C5 DKA E . 20.68 16.86 0.21
C6 DKA E . 19.17 16.62 0.08
C7 DKA E . 18.71 15.48 0.98
C8 DKA E . 17.19 15.39 1.09
C9 DKA E . 16.51 15.23 -0.26
C10 DKA E . 15.70 16.47 -0.65
O2 DKA E . 22.81 13.90 4.83
#